data_5W0I
#
_entry.id   5W0I
#
_cell.length_a   34.879
_cell.length_b   48.602
_cell.length_c   80.763
_cell.angle_alpha   90.000
_cell.angle_beta   90.000
_cell.angle_gamma   90.000
#
_symmetry.space_group_name_H-M   'P 21 21 21'
#
loop_
_entity.id
_entity.type
_entity.pdbx_description
1 polymer 'CREB-binding protein'
2 non-polymer 1-{3-[7-(difluoromethyl)-6-(1-methyl-1H-pyrazol-4-yl)-3,4-dihydroquinolin-1(2H)-yl]-1-[(3S)-oxolan-3-yl]-1,4,6,7-tetrahydro-5H-pyrazolo[4,3-c]pyridin-5-yl}ethan-1-one
3 non-polymer 'DIMETHYL SULFOXIDE'
4 non-polymer GLYCEROL
5 water water
#
_entity_poly.entity_id   1
_entity_poly.type   'polypeptide(L)'
_entity_poly.pdbx_seq_one_letter_code
;MHHHHHHGSLVPRGSMDYKDDDDKENLYFQGSKKIFKPEELRQALMPTLEALYRQDPESLPFRQPVDPQLLGIPDYFDIV
KNPMDLSTIKRKLDTGQYQEPWQYVDDVWLMFNNAWLYNRKTSRVYKFCSKLAEVFEQEIDPVMQSLG
;
_entity_poly.pdbx_strand_id   A
#
loop_
_chem_comp.id
_chem_comp.type
_chem_comp.name
_chem_comp.formula
9UA non-polymer 1-{3-[7-(difluoromethyl)-6-(1-methyl-1H-pyrazol-4-yl)-3,4-dihydroquinolin-1(2H)-yl]-1-[(3S)-oxolan-3-yl]-1,4,6,7-tetrahydro-5H-pyrazolo[4,3-c]pyridin-5-yl}ethan-1-one 'C26 H30 F2 N6 O2'
DMS non-polymer 'DIMETHYL SULFOXIDE' 'C2 H6 O S'
GOL non-polymer GLYCEROL 'C3 H8 O3'
#
# COMPACT_ATOMS: atom_id res chain seq x y z
N ILE A 35 -20.09 12.30 2.13
CA ILE A 35 -20.39 10.89 1.81
C ILE A 35 -19.80 10.54 0.44
N PHE A 36 -19.12 9.39 0.36
CA PHE A 36 -18.54 8.86 -0.87
C PHE A 36 -19.16 7.52 -1.18
N LYS A 37 -19.58 7.35 -2.37
CA LYS A 37 -20.20 6.12 -2.80
C LYS A 37 -19.12 5.11 -3.16
N PRO A 38 -19.40 3.82 -3.02
CA PRO A 38 -18.33 2.84 -3.25
C PRO A 38 -17.71 2.94 -4.61
N GLU A 39 -18.50 3.12 -5.67
CA GLU A 39 -17.93 3.13 -7.02
C GLU A 39 -17.18 4.42 -7.31
N GLU A 40 -17.58 5.50 -6.65
CA GLU A 40 -16.84 6.76 -6.75
C GLU A 40 -15.43 6.57 -6.20
N LEU A 41 -15.32 5.91 -5.03
CA LEU A 41 -14.01 5.66 -4.45
C LEU A 41 -13.23 4.69 -5.30
N ARG A 42 -13.89 3.65 -5.84
CA ARG A 42 -13.16 2.69 -6.64
C ARG A 42 -12.64 3.34 -7.91
N GLN A 43 -13.46 4.12 -8.60
CA GLN A 43 -13.03 4.74 -9.85
C GLN A 43 -11.88 5.70 -9.62
N ALA A 44 -11.93 6.47 -8.52
CA ALA A 44 -10.90 7.47 -8.27
C ALA A 44 -9.62 6.83 -7.74
N LEU A 45 -9.73 5.84 -6.85
CA LEU A 45 -8.55 5.33 -6.16
C LEU A 45 -7.89 4.14 -6.83
N MET A 46 -8.66 3.30 -7.54
CA MET A 46 -8.04 2.11 -8.14
C MET A 46 -6.89 2.45 -9.08
N PRO A 47 -6.94 3.53 -9.88
CA PRO A 47 -5.78 3.87 -10.72
C PRO A 47 -4.53 4.15 -9.91
N THR A 48 -4.67 4.71 -8.71
CA THR A 48 -3.50 4.99 -7.89
C THR A 48 -2.89 3.70 -7.38
N LEU A 49 -3.71 2.71 -7.08
CA LEU A 49 -3.20 1.39 -6.68
C LEU A 49 -2.55 0.69 -7.87
N GLU A 50 -3.15 0.78 -9.06
CA GLU A 50 -2.54 0.22 -10.27
C GLU A 50 -1.18 0.84 -10.55
N ALA A 51 -1.00 2.12 -10.25
CA ALA A 51 0.30 2.77 -10.46
C ALA A 51 1.38 2.14 -9.60
N LEU A 52 1.01 1.72 -8.38
CA LEU A 52 1.96 1.00 -7.55
C LEU A 52 2.26 -0.37 -8.10
N TYR A 53 1.23 -1.10 -8.53
CA TYR A 53 1.47 -2.41 -9.12
C TYR A 53 2.34 -2.34 -10.36
N ARG A 54 2.26 -1.25 -11.12
CA ARG A 54 3.06 -1.11 -12.34
C ARG A 54 4.55 -0.95 -12.08
N GLN A 55 4.95 -0.64 -10.85
N GLN A 55 4.95 -0.63 -10.85
CA GLN A 55 6.37 -0.51 -10.53
CA GLN A 55 6.37 -0.52 -10.54
C GLN A 55 6.96 -1.90 -10.37
C GLN A 55 6.95 -1.92 -10.40
N ASP A 56 7.94 -2.22 -11.20
CA ASP A 56 8.52 -3.55 -11.19
C ASP A 56 10.01 -3.26 -11.33
N PRO A 57 10.89 -3.68 -10.39
CA PRO A 57 10.63 -4.69 -9.37
C PRO A 57 10.05 -4.13 -8.08
N GLU A 58 9.79 -2.84 -8.04
CA GLU A 58 9.62 -2.23 -6.72
C GLU A 58 8.32 -2.68 -6.01
N SER A 59 7.24 -3.05 -6.73
CA SER A 59 6.04 -3.54 -6.05
C SER A 59 6.11 -4.99 -5.66
N LEU A 60 7.12 -5.72 -6.11
CA LEU A 60 7.10 -7.15 -5.87
C LEU A 60 7.06 -7.54 -4.40
N PRO A 61 7.76 -6.89 -3.49
CA PRO A 61 7.72 -7.34 -2.10
C PRO A 61 6.38 -7.07 -1.43
N PHE A 62 5.51 -6.28 -2.08
CA PHE A 62 4.29 -5.75 -1.47
C PHE A 62 3.03 -6.37 -2.05
N ARG A 63 3.15 -7.26 -3.02
CA ARG A 63 1.96 -7.77 -3.69
C ARG A 63 1.12 -8.69 -2.83
N GLN A 64 1.67 -9.38 -1.85
CA GLN A 64 0.95 -10.38 -1.06
C GLN A 64 1.32 -10.15 0.39
N PRO A 65 0.51 -10.62 1.34
CA PRO A 65 0.86 -10.42 2.76
C PRO A 65 2.21 -11.05 3.03
N VAL A 66 2.99 -10.39 3.89
CA VAL A 66 4.29 -10.95 4.29
C VAL A 66 4.04 -12.27 4.95
N ASP A 67 4.78 -13.29 4.52
CA ASP A 67 4.69 -14.63 5.09
C ASP A 67 6.02 -14.92 5.78
N PRO A 68 6.14 -14.64 7.09
CA PRO A 68 7.45 -14.74 7.74
C PRO A 68 8.05 -16.11 7.75
N GLN A 69 7.24 -17.18 7.84
CA GLN A 69 7.84 -18.51 7.83
C GLN A 69 8.40 -18.84 6.46
N LEU A 70 7.64 -18.52 5.40
CA LEU A 70 8.14 -18.80 4.05
C LEU A 70 9.40 -18.01 3.74
N LEU A 71 9.48 -16.76 4.19
CA LEU A 71 10.62 -15.92 3.91
C LEU A 71 11.80 -16.16 4.85
N GLY A 72 11.64 -16.89 5.93
CA GLY A 72 12.76 -17.11 6.82
C GLY A 72 13.02 -15.97 7.76
N ILE A 73 12.01 -15.15 8.03
CA ILE A 73 12.11 -14.02 8.94
C ILE A 73 11.12 -14.11 10.09
N PRO A 74 11.29 -15.07 10.99
CA PRO A 74 10.26 -15.29 12.00
C PRO A 74 10.07 -14.17 12.99
N ASP A 75 10.96 -13.19 13.07
CA ASP A 75 10.76 -12.05 13.97
C ASP A 75 9.80 -11.01 13.44
N TYR A 76 9.30 -11.18 12.21
CA TYR A 76 8.52 -10.13 11.56
C TYR A 76 7.35 -9.65 12.42
N PHE A 77 6.53 -10.57 12.92
CA PHE A 77 5.36 -10.12 13.65
C PHE A 77 5.69 -9.62 15.06
N ASP A 78 6.92 -9.85 15.55
CA ASP A 78 7.32 -9.17 16.78
C ASP A 78 7.48 -7.69 16.56
N ILE A 79 7.79 -7.30 15.32
CA ILE A 79 8.12 -5.91 15.01
C ILE A 79 6.95 -5.19 14.35
N VAL A 80 6.28 -5.86 13.43
CA VAL A 80 5.17 -5.28 12.66
C VAL A 80 3.87 -5.82 13.26
N LYS A 81 3.15 -4.94 13.96
CA LYS A 81 1.95 -5.36 14.67
C LYS A 81 0.69 -5.35 13.81
N ASN A 82 0.66 -4.51 12.78
CA ASN A 82 -0.52 -4.38 11.90
C ASN A 82 -0.10 -4.51 10.45
N PRO A 83 0.06 -5.74 9.94
CA PRO A 83 0.48 -5.93 8.56
C PRO A 83 -0.50 -5.34 7.56
N MET A 84 0.05 -4.99 6.41
CA MET A 84 -0.74 -4.50 5.29
C MET A 84 0.04 -4.71 4.01
N ASP A 85 -0.67 -4.96 2.90
CA ASP A 85 0.00 -5.17 1.61
C ASP A 85 -0.99 -4.81 0.50
N LEU A 86 -0.48 -4.79 -0.74
CA LEU A 86 -1.31 -4.39 -1.90
C LEU A 86 -2.54 -5.28 -2.08
N SER A 87 -2.41 -6.60 -1.90
CA SER A 87 -3.55 -7.49 -2.15
C SER A 87 -4.69 -7.21 -1.18
N THR A 88 -4.35 -6.84 0.06
CA THR A 88 -5.37 -6.54 1.05
C THR A 88 -6.06 -5.23 0.74
N ILE A 89 -5.28 -4.21 0.36
CA ILE A 89 -5.85 -2.93 -0.04
C ILE A 89 -6.77 -3.12 -1.25
N LYS A 90 -6.33 -3.90 -2.25
CA LYS A 90 -7.15 -4.12 -3.44
C LYS A 90 -8.49 -4.77 -3.07
N ARG A 91 -8.44 -5.80 -2.24
CA ARG A 91 -9.67 -6.45 -1.80
CA ARG A 91 -9.65 -6.46 -1.77
C ARG A 91 -10.55 -5.49 -1.03
N LYS A 92 -9.97 -4.66 -0.17
CA LYS A 92 -10.79 -3.69 0.56
C LYS A 92 -11.47 -2.71 -0.39
N LEU A 93 -10.75 -2.25 -1.41
CA LEU A 93 -11.34 -1.36 -2.37
C LEU A 93 -12.40 -2.03 -3.21
N ASP A 94 -12.26 -3.32 -3.48
CA ASP A 94 -13.25 -4.03 -4.28
C ASP A 94 -14.49 -4.42 -3.51
N THR A 95 -14.42 -4.44 -2.18
CA THR A 95 -15.48 -4.89 -1.31
C THR A 95 -16.07 -3.78 -0.44
N GLY A 96 -15.79 -2.55 -0.78
CA GLY A 96 -16.46 -1.42 -0.13
C GLY A 96 -16.04 -1.20 1.32
N GLN A 97 -14.83 -1.60 1.68
N GLN A 97 -14.82 -1.59 1.69
CA GLN A 97 -14.41 -1.46 3.07
CA GLN A 97 -14.37 -1.46 3.08
C GLN A 97 -13.94 -0.06 3.40
C GLN A 97 -13.73 -0.12 3.37
N TYR A 98 -13.66 0.75 2.39
CA TYR A 98 -13.30 2.14 2.62
C TYR A 98 -14.51 2.99 2.37
N GLN A 99 -14.83 3.83 3.33
CA GLN A 99 -15.92 4.80 3.23
C GLN A 99 -15.44 6.17 2.88
N GLU A 100 -14.16 6.48 3.09
CA GLU A 100 -13.62 7.80 2.79
C GLU A 100 -12.24 7.56 2.20
N PRO A 101 -11.74 8.45 1.33
CA PRO A 101 -10.43 8.21 0.70
C PRO A 101 -9.27 8.17 1.69
N TRP A 102 -9.34 8.90 2.80
CA TRP A 102 -8.25 8.84 3.79
C TRP A 102 -8.09 7.46 4.39
N GLN A 103 -9.15 6.65 4.46
CA GLN A 103 -8.95 5.30 4.99
C GLN A 103 -8.08 4.46 4.06
N TYR A 104 -8.22 4.66 2.75
CA TYR A 104 -7.36 4.00 1.78
C TYR A 104 -5.92 4.53 1.89
N VAL A 105 -5.77 5.85 1.95
CA VAL A 105 -4.43 6.47 2.10
C VAL A 105 -3.76 5.93 3.35
N ASP A 106 -4.52 5.76 4.43
CA ASP A 106 -3.94 5.27 5.67
C ASP A 106 -3.40 3.86 5.50
N ASP A 107 -4.11 2.98 4.79
CA ASP A 107 -3.62 1.62 4.64
C ASP A 107 -2.37 1.61 3.76
N VAL A 108 -2.33 2.44 2.70
CA VAL A 108 -1.13 2.48 1.87
C VAL A 108 0.05 2.93 2.71
N TRP A 109 -0.15 3.96 3.53
CA TRP A 109 0.94 4.46 4.38
C TRP A 109 1.31 3.48 5.48
N LEU A 110 0.37 2.72 6.01
CA LEU A 110 0.68 1.67 6.97
C LEU A 110 1.60 0.64 6.31
N MET A 111 1.32 0.25 5.07
CA MET A 111 2.20 -0.66 4.34
C MET A 111 3.60 -0.06 4.25
N PHE A 112 3.71 1.21 3.88
CA PHE A 112 5.06 1.81 3.75
C PHE A 112 5.74 1.88 5.10
N ASN A 113 5.05 2.37 6.12
CA ASN A 113 5.69 2.54 7.42
C ASN A 113 6.14 1.18 7.96
N ASN A 114 5.37 0.12 7.73
CA ASN A 114 5.81 -1.19 8.17
C ASN A 114 7.12 -1.58 7.51
N ALA A 115 7.24 -1.31 6.22
CA ALA A 115 8.44 -1.74 5.52
C ALA A 115 9.64 -0.90 5.92
N TRP A 116 9.48 0.39 6.18
CA TRP A 116 10.61 1.20 6.63
C TRP A 116 10.99 0.84 8.06
N LEU A 117 10.04 0.35 8.86
CA LEU A 117 10.33 -0.06 10.23
C LEU A 117 11.10 -1.37 10.25
N TYR A 118 10.64 -2.35 9.47
CA TYR A 118 11.19 -3.70 9.56
C TYR A 118 12.52 -3.86 8.82
N ASN A 119 12.64 -3.27 7.65
CA ASN A 119 13.78 -3.57 6.77
C ASN A 119 14.90 -2.55 6.99
N ARG A 120 16.13 -3.00 6.80
N ARG A 120 16.13 -3.00 6.76
CA ARG A 120 17.27 -2.10 6.94
CA ARG A 120 17.29 -2.12 6.89
C ARG A 120 17.35 -1.13 5.77
C ARG A 120 17.36 -1.13 5.75
N LYS A 121 18.00 0.01 6.00
CA LYS A 121 18.03 1.09 5.00
C LYS A 121 18.74 0.69 3.72
N THR A 122 19.66 -0.30 3.77
CA THR A 122 20.36 -0.76 2.58
C THR A 122 19.61 -1.84 1.83
N SER A 123 18.50 -2.32 2.37
CA SER A 123 17.85 -3.50 1.81
C SER A 123 17.01 -3.15 0.57
N ARG A 124 16.81 -4.16 -0.30
CA ARG A 124 15.90 -3.97 -1.44
C ARG A 124 14.53 -3.52 -0.98
N VAL A 125 13.94 -4.22 -0.01
CA VAL A 125 12.55 -3.88 0.35
C VAL A 125 12.42 -2.42 0.79
N TYR A 126 13.37 -1.92 1.59
CA TYR A 126 13.30 -0.54 2.05
C TYR A 126 13.40 0.41 0.88
N LYS A 127 14.35 0.19 -0.01
CA LYS A 127 14.52 1.12 -1.14
C LYS A 127 13.33 1.03 -2.09
N PHE A 128 12.79 -0.17 -2.28
CA PHE A 128 11.60 -0.30 -3.12
C PHE A 128 10.39 0.38 -2.48
N CYS A 129 10.26 0.28 -1.15
CA CYS A 129 9.22 1.05 -0.45
C CYS A 129 9.36 2.54 -0.72
N SER A 130 10.58 3.07 -0.66
CA SER A 130 10.76 4.48 -0.90
C SER A 130 10.31 4.88 -2.29
N LYS A 131 10.54 3.99 -3.29
CA LYS A 131 10.11 4.32 -4.64
C LYS A 131 8.61 4.27 -4.75
N LEU A 132 7.97 3.29 -4.12
CA LEU A 132 6.50 3.26 -4.14
C LEU A 132 5.92 4.48 -3.44
N ALA A 133 6.54 4.94 -2.36
CA ALA A 133 6.00 6.12 -1.68
C ALA A 133 6.08 7.35 -2.56
N GLU A 134 7.16 7.47 -3.35
CA GLU A 134 7.26 8.57 -4.32
C GLU A 134 6.14 8.51 -5.35
N VAL A 135 5.94 7.33 -5.93
CA VAL A 135 4.90 7.16 -6.95
C VAL A 135 3.54 7.44 -6.35
N PHE A 136 3.28 6.95 -5.13
CA PHE A 136 1.96 7.12 -4.54
C PHE A 136 1.71 8.60 -4.28
N GLU A 137 2.72 9.29 -3.72
CA GLU A 137 2.53 10.72 -3.46
C GLU A 137 2.15 11.46 -4.73
N GLN A 138 2.81 11.13 -5.85
CA GLN A 138 2.54 11.79 -7.12
C GLN A 138 1.14 11.52 -7.62
N GLU A 139 0.66 10.30 -7.48
CA GLU A 139 -0.61 9.92 -8.06
C GLU A 139 -1.78 10.32 -7.20
N ILE A 140 -1.63 10.28 -5.86
CA ILE A 140 -2.77 10.49 -4.97
C ILE A 140 -3.17 11.97 -4.85
N ASP A 141 -2.23 12.90 -5.01
N ASP A 141 -2.23 12.90 -4.99
CA ASP A 141 -2.46 14.33 -4.89
CA ASP A 141 -2.56 14.31 -4.85
C ASP A 141 -3.61 14.78 -5.80
C ASP A 141 -3.65 14.77 -5.81
N PRO A 142 -3.54 14.59 -7.14
CA PRO A 142 -4.63 15.07 -8.00
C PRO A 142 -5.94 14.35 -7.74
N VAL A 143 -5.86 13.09 -7.31
CA VAL A 143 -7.07 12.32 -7.01
C VAL A 143 -7.78 12.89 -5.78
N MET A 144 -7.03 13.21 -4.72
CA MET A 144 -7.64 13.83 -3.55
C MET A 144 -8.26 15.15 -3.89
N GLN A 145 -7.63 15.94 -4.77
CA GLN A 145 -8.24 17.19 -5.18
C GLN A 145 -9.55 16.95 -5.93
N SER A 146 -9.60 15.90 -6.74
CA SER A 146 -10.79 15.60 -7.51
C SER A 146 -11.93 15.09 -6.63
N LEU A 147 -11.61 14.40 -5.54
CA LEU A 147 -12.62 13.82 -4.67
C LEU A 147 -13.24 14.85 -3.73
N GLY A 148 -12.51 15.91 -3.44
CA GLY A 148 -13.01 16.98 -2.60
C GLY A 148 -13.44 16.52 -1.22
C14 9UA B . 14.57 -12.20 2.28
C14 9UA B . 14.57 -12.27 2.41
C5 9UA B . 9.51 -8.36 4.58
C5 9UA B . 9.50 -8.34 4.60
C6 9UA B . 10.92 -8.68 4.15
C6 9UA B . 10.90 -8.70 4.17
C7 9UA B . 10.88 -9.34 2.80
C7 9UA B . 10.86 -9.34 2.82
C8 9UA B . 9.81 -9.32 1.96
C8 9UA B . 9.80 -9.29 1.96
C9 9UA B . 10.21 -10.03 0.81
C9 9UA B . 10.22 -9.96 0.81
C12 9UA B . 13.22 -10.27 2.78
C12 9UA B . 13.20 -10.27 2.82
C13 9UA B . 13.34 -11.77 3.11
C13 9UA B . 13.29 -11.78 3.14
C1 9UA B . 7.37 -5.93 2.54
C1 9UA B . 7.36 -5.91 2.57
C16 9UA B . 14.30 -10.02 1.72
C16 9UA B . 14.32 -9.99 1.80
C18 9UA B . 8.13 -10.81 -0.26
C18 9UA B . 8.11 -10.68 -0.26
C19 9UA B . 7.88 -11.81 -1.40
C19 9UA B . 7.90 -11.81 -1.29
C2 9UA B . 8.26 -6.54 3.61
C2 9UA B . 8.25 -6.52 3.64
C20 9UA B . 8.11 -11.14 -2.75
C20 9UA B . 8.10 -11.21 -2.68
C21 9UA B . 9.44 -10.44 -2.80
C21 9UA B . 9.43 -10.50 -2.79
C22 9UA B . 10.07 -10.04 -1.62
C22 9UA B . 10.08 -10.03 -1.65
C23 9UA B . 11.28 -9.37 -1.74
C23 9UA B . 11.30 -9.36 -1.84
C24 9UA B . 11.87 -9.11 -2.94
C24 9UA B . 11.87 -9.19 -3.09
C25 9UA B . 11.25 -9.49 -4.12
C25 9UA B . 11.21 -9.66 -4.23
C26 9UA B . 10.03 -10.18 -4.04
C26 9UA B . 10.00 -10.33 -4.05
C27 9UA B . 11.87 -9.27 -5.46
C27 9UA B . 11.72 -9.57 -5.65
C28 9UA B . 12.60 -8.17 -6.00
C28 9UA B . 11.49 -10.61 -6.58
C31 9UA B . 11.89 -10.22 -6.44
C31 9UA B . 12.48 -8.64 -6.32
C32 9UA B . 12.78 -10.41 -8.78
C32 9UA B . 13.40 -8.42 -8.66
C33 9UA B . 13.20 -8.39 -2.96
C33 9UA B . 13.20 -8.47 -3.21
C36 9UA B . 8.46 -8.64 2.29
C36 9UA B . 8.47 -8.61 2.31
F34 9UA B . 13.72 -8.39 -1.66
F34 9UA B . 13.86 -8.63 -1.99
F35 9UA B . 13.00 -7.04 -3.28
F35 9UA B . 13.02 -7.10 -3.43
N10 9UA B . 11.46 -10.46 0.98
N10 9UA B . 11.46 -10.41 0.96
N11 9UA B . 11.88 -10.00 2.22
N11 9UA B . 11.88 -9.99 2.23
N17 9UA B . 9.50 -10.29 -0.36
N17 9UA B . 9.51 -10.21 -0.37
N29 9UA B . 13.00 -8.45 -7.20
N29 9UA B . 12.04 -10.31 -7.73
N30 9UA B . 12.55 -9.72 -7.52
N30 9UA B . 12.68 -9.08 -7.58
N4 9UA B . 8.72 -7.81 3.48
N4 9UA B . 8.72 -7.79 3.51
O15 9UA B . 14.57 -11.30 1.15
O15 9UA B . 15.04 -11.21 1.55
O3 9UA B . 8.55 -5.86 4.60
O3 9UA B . 8.53 -5.85 4.64
S DMS C . 0.33 -10.83 -7.47
O DMS C . 0.54 -11.24 -6.06
C1 DMS C . -0.44 -9.27 -7.72
C2 DMS C . 1.83 -10.59 -8.41
S DMS D . 19.07 0.55 9.89
O DMS D . 19.31 0.31 8.45
C1 DMS D . 19.49 2.20 10.47
C2 DMS D . 17.44 0.36 10.61
C1 GOL E . 5.97 -11.80 -12.92
O1 GOL E . 7.13 -11.47 -13.65
C2 GOL E . 6.47 -12.00 -11.51
O2 GOL E . 7.22 -13.18 -11.37
C3 GOL E . 5.21 -11.93 -10.63
O3 GOL E . 5.01 -10.57 -10.32
#